data_6I2V
#
_entry.id   6I2V
#
_cell.length_a   35.830
_cell.length_b   83.210
_cell.length_c   90.790
_cell.angle_alpha   90.00
_cell.angle_beta   90.00
_cell.angle_gamma   90.00
#
_symmetry.space_group_name_H-M   'I 2 2 2'
#
loop_
_entity.id
_entity.type
_entity.pdbx_description
1 polymer 'Uncharacterized protein'
2 non-polymer 'PENTAETHYLENE GLYCOL'
3 non-polymer 1,2-ETHANEDIOL
4 non-polymer 'SULFITE ION'
5 non-polymer 'SULFATE ION'
6 water water
#
_entity_poly.entity_id   1
_entity_poly.type   'polypeptide(L)'
_entity_poly.pdbx_seq_one_letter_code
;GSSSNGEKERQLELMASNRAGVLSAGLPIEYGPLKVMRISSSKNIVEIMMIYNTDATGAKPTQELLSTSVSKYCEDATVR
NQLDMGLMYRIKIRNSRGQLIIDEMVTAASCQPQ
;
_entity_poly.pdbx_strand_id   A
#
# COMPACT_ATOMS: atom_id res chain seq x y z
N ASN A 5 9.73 -21.49 -7.33
CA ASN A 5 8.87 -22.39 -8.15
C ASN A 5 7.81 -21.56 -8.90
N GLY A 6 7.31 -22.09 -10.01
CA GLY A 6 6.09 -21.61 -10.69
C GLY A 6 4.89 -21.66 -9.75
N GLU A 7 4.82 -22.68 -8.89
CA GLU A 7 3.65 -22.89 -7.99
C GLU A 7 3.65 -21.83 -6.87
N LYS A 8 4.81 -21.50 -6.33
CA LYS A 8 4.92 -20.45 -5.27
C LYS A 8 4.56 -19.09 -5.87
N GLU A 9 5.01 -18.78 -7.10
CA GLU A 9 4.64 -17.51 -7.78
C GLU A 9 3.12 -17.49 -8.00
N ARG A 10 2.55 -18.60 -8.47
CA ARG A 10 1.09 -18.70 -8.70
C ARG A 10 0.38 -18.46 -7.36
N GLN A 11 0.81 -19.13 -6.28
CA GLN A 11 0.19 -18.92 -4.94
C GLN A 11 0.23 -17.42 -4.55
N LEU A 12 1.38 -16.74 -4.69
CA LEU A 12 1.51 -15.30 -4.32
C LEU A 12 0.56 -14.46 -5.20
N GLU A 13 0.44 -14.76 -6.47
CA GLU A 13 -0.46 -13.98 -7.39
C GLU A 13 -1.92 -14.14 -6.96
N LEU A 14 -2.31 -15.38 -6.66
CA LEU A 14 -3.68 -15.69 -6.12
C LEU A 14 -3.90 -14.98 -4.76
N MET A 15 -2.90 -14.95 -3.89
CA MET A 15 -2.99 -14.26 -2.59
CA MET A 15 -3.00 -14.25 -2.60
C MET A 15 -3.17 -12.75 -2.83
N ALA A 16 -2.34 -12.15 -3.70
CA ALA A 16 -2.43 -10.71 -3.99
C ALA A 16 -3.84 -10.39 -4.53
N SER A 17 -4.37 -11.20 -5.46
CA SER A 17 -5.71 -10.97 -6.04
C SER A 17 -6.79 -11.06 -4.96
N ASN A 18 -6.75 -12.09 -4.15
CA ASN A 18 -7.76 -12.29 -3.10
C ASN A 18 -7.68 -11.13 -2.11
N ARG A 19 -6.51 -10.78 -1.65
CA ARG A 19 -6.37 -9.72 -0.62
C ARG A 19 -6.84 -8.38 -1.19
N ALA A 20 -6.56 -8.09 -2.47
CA ALA A 20 -7.05 -6.84 -3.13
C ALA A 20 -8.58 -6.84 -3.09
N GLY A 21 -9.21 -8.01 -3.37
CA GLY A 21 -10.67 -8.13 -3.34
C GLY A 21 -11.22 -7.82 -1.97
N VAL A 22 -10.68 -8.50 -0.96
CA VAL A 22 -11.12 -8.33 0.46
C VAL A 22 -11.12 -6.83 0.79
N LEU A 23 -10.00 -6.16 0.55
CA LEU A 23 -9.80 -4.74 0.99
C LEU A 23 -10.70 -3.79 0.18
N SER A 24 -10.97 -4.11 -1.07
CA SER A 24 -11.81 -3.30 -2.00
C SER A 24 -13.22 -3.12 -1.42
N ALA A 25 -13.77 -4.15 -0.81
CA ALA A 25 -15.16 -4.19 -0.33
C ALA A 25 -15.42 -3.10 0.69
N GLY A 26 -14.42 -2.69 1.44
CA GLY A 26 -14.58 -1.69 2.52
C GLY A 26 -14.37 -0.26 2.04
N LEU A 27 -14.14 -0.01 0.74
CA LEU A 27 -13.70 1.33 0.28
C LEU A 27 -14.89 2.21 -0.09
N PRO A 28 -14.77 3.55 -0.02
CA PRO A 28 -13.56 4.21 0.46
C PRO A 28 -13.47 4.32 1.98
N ILE A 29 -12.25 4.31 2.50
CA ILE A 29 -12.01 4.46 3.96
CA ILE A 29 -11.97 4.41 3.96
C ILE A 29 -10.98 5.55 4.16
N GLU A 30 -11.21 6.38 5.15
CA GLU A 30 -10.34 7.50 5.47
C GLU A 30 -9.52 7.19 6.71
N TYR A 31 -8.28 7.63 6.68
CA TYR A 31 -7.33 7.64 7.83
C TYR A 31 -6.74 9.04 7.94
N GLY A 32 -7.36 9.91 8.74
CA GLY A 32 -7.12 11.36 8.71
C GLY A 32 -7.21 11.90 7.28
N PRO A 33 -6.11 12.49 6.75
CA PRO A 33 -6.12 13.16 5.46
C PRO A 33 -5.88 12.24 4.26
N LEU A 34 -5.83 10.94 4.52
CA LEU A 34 -5.72 9.91 3.46
C LEU A 34 -7.10 9.31 3.24
N LYS A 35 -7.49 9.18 1.97
CA LYS A 35 -8.70 8.44 1.60
C LYS A 35 -8.31 7.32 0.65
N VAL A 36 -8.48 6.09 1.09
CA VAL A 36 -8.17 4.91 0.24
C VAL A 36 -9.34 4.71 -0.73
N MET A 37 -9.07 4.83 -2.02
CA MET A 37 -10.09 4.95 -3.07
C MET A 37 -10.17 3.66 -3.88
N ARG A 38 -9.05 2.98 -4.08
CA ARG A 38 -8.97 1.88 -5.06
C ARG A 38 -7.91 0.91 -4.56
N ILE A 39 -8.16 -0.40 -4.63
CA ILE A 39 -7.15 -1.44 -4.37
C ILE A 39 -7.27 -2.47 -5.47
N SER A 40 -6.13 -2.78 -6.07
CA SER A 40 -5.95 -3.71 -7.21
C SER A 40 -4.84 -4.68 -6.93
N SER A 41 -4.64 -5.63 -7.81
CA SER A 41 -3.41 -6.46 -7.77
C SER A 41 -2.80 -6.55 -9.16
N SER A 42 -1.53 -6.85 -9.17
CA SER A 42 -0.74 -7.17 -10.35
C SER A 42 0.34 -8.16 -9.92
N LYS A 43 0.34 -9.38 -10.48
CA LYS A 43 1.27 -10.46 -10.07
C LYS A 43 1.21 -10.53 -8.54
N ASN A 44 2.35 -10.44 -7.87
CA ASN A 44 2.44 -10.61 -6.39
C ASN A 44 2.30 -9.26 -5.66
N ILE A 45 1.79 -8.21 -6.33
CA ILE A 45 1.72 -6.83 -5.77
C ILE A 45 0.25 -6.46 -5.48
N VAL A 46 -0.03 -6.10 -4.25
CA VAL A 46 -1.27 -5.37 -3.85
C VAL A 46 -0.99 -3.86 -3.99
N GLU A 47 -1.75 -3.23 -4.87
CA GLU A 47 -1.66 -1.77 -5.22
CA GLU A 47 -1.65 -1.77 -5.18
C GLU A 47 -2.74 -1.02 -4.43
N ILE A 48 -2.32 -0.07 -3.58
CA ILE A 48 -3.21 0.76 -2.73
C ILE A 48 -3.15 2.17 -3.27
N MET A 49 -4.27 2.70 -3.76
CA MET A 49 -4.38 4.08 -4.30
CA MET A 49 -4.37 4.10 -4.28
C MET A 49 -5.17 4.94 -3.29
N MET A 50 -4.56 6.03 -2.84
CA MET A 50 -5.15 6.96 -1.85
C MET A 50 -5.05 8.38 -2.38
N ILE A 51 -5.99 9.21 -1.99
CA ILE A 51 -5.92 10.68 -2.13
C ILE A 51 -5.43 11.22 -0.79
N TYR A 52 -4.33 11.94 -0.81
CA TYR A 52 -3.90 12.81 0.28
C TYR A 52 -4.45 14.23 0.07
N ASN A 53 -5.25 14.69 1.02
CA ASN A 53 -6.11 15.89 0.89
C ASN A 53 -5.23 17.14 1.02
N THR A 54 -4.45 17.44 -0.03
CA THR A 54 -3.58 18.66 -0.12
C THR A 54 -4.45 19.91 0.04
N ASP A 55 -5.70 19.90 -0.43
CA ASP A 55 -6.57 21.08 -0.32
C ASP A 55 -6.82 21.38 1.16
N ALA A 56 -7.06 20.36 1.97
CA ALA A 56 -7.44 20.48 3.41
C ALA A 56 -6.24 20.77 4.30
N THR A 57 -5.08 20.25 3.98
CA THR A 57 -3.89 20.38 4.86
C THR A 57 -3.04 21.61 4.46
N GLY A 58 -3.06 21.99 3.18
CA GLY A 58 -2.17 23.06 2.64
C GLY A 58 -0.71 22.65 2.71
N ALA A 59 -0.44 21.35 2.74
CA ALA A 59 0.90 20.80 2.93
C ALA A 59 1.10 19.65 1.95
N LYS A 60 2.35 19.30 1.75
CA LYS A 60 2.76 18.09 0.99
C LYS A 60 3.88 17.40 1.76
N PRO A 61 3.55 16.65 2.86
CA PRO A 61 4.56 16.08 3.74
C PRO A 61 5.07 14.72 3.22
N THR A 62 5.69 14.77 2.07
CA THR A 62 6.18 13.61 1.32
C THR A 62 6.98 12.70 2.27
N GLN A 63 7.94 13.25 3.00
CA GLN A 63 8.82 12.44 3.89
C GLN A 63 7.96 11.68 4.90
N GLU A 64 7.09 12.42 5.55
CA GLU A 64 6.18 11.78 6.53
CA GLU A 64 6.14 11.79 6.51
C GLU A 64 5.23 10.61 6.00
N LEU A 65 4.64 10.91 4.83
CA LEU A 65 3.81 9.94 4.10
C LEU A 65 4.64 8.69 3.80
N LEU A 66 5.89 8.85 3.39
CA LEU A 66 6.75 7.68 3.07
C LEU A 66 7.12 6.96 4.37
N SER A 67 7.67 7.66 5.35
CA SER A 67 8.12 6.97 6.61
CA SER A 67 8.10 7.05 6.65
C SER A 67 6.93 6.29 7.30
N THR A 68 5.77 6.92 7.37
CA THR A 68 4.58 6.34 8.03
C THR A 68 4.01 5.20 7.19
N SER A 69 4.17 5.24 5.86
CA SER A 69 3.76 4.10 5.00
C SER A 69 4.62 2.89 5.36
N VAL A 70 5.93 3.04 5.36
CA VAL A 70 6.82 1.90 5.60
C VAL A 70 6.51 1.35 7.00
N SER A 71 6.42 2.21 8.00
CA SER A 71 6.26 1.73 9.39
C SER A 71 4.88 1.08 9.58
N LYS A 72 3.81 1.68 9.04
CA LYS A 72 2.43 1.14 9.26
C LYS A 72 2.27 -0.24 8.58
N TYR A 73 2.76 -0.44 7.39
CA TYR A 73 2.65 -1.75 6.68
C TYR A 73 3.53 -2.78 7.38
N CYS A 74 4.74 -2.38 7.78
CA CYS A 74 5.72 -3.30 8.39
C CYS A 74 5.21 -3.74 9.76
N GLU A 75 4.50 -2.87 10.48
CA GLU A 75 4.08 -3.14 11.88
C GLU A 75 2.73 -3.89 11.91
N ASP A 76 2.04 -3.98 10.79
CA ASP A 76 0.77 -4.76 10.69
CA ASP A 76 0.76 -4.76 10.64
C ASP A 76 1.09 -6.26 10.62
N ALA A 77 0.60 -7.03 11.58
CA ALA A 77 0.92 -8.47 11.70
C ALA A 77 0.64 -9.17 10.35
N THR A 78 -0.54 -9.00 9.81
CA THR A 78 -0.96 -9.70 8.56
C THR A 78 -0.07 -9.29 7.38
N VAL A 79 0.08 -8.00 7.14
CA VAL A 79 0.95 -7.49 6.03
C VAL A 79 2.38 -7.99 6.23
N ARG A 80 2.91 -7.92 7.44
CA ARG A 80 4.30 -8.38 7.71
C ARG A 80 4.46 -9.86 7.33
N ASN A 81 3.54 -10.73 7.72
CA ASN A 81 3.57 -12.14 7.29
C ASN A 81 3.55 -12.19 5.76
N GLN A 82 2.59 -11.52 5.14
CA GLN A 82 2.44 -11.52 3.66
C GLN A 82 3.75 -11.08 3.02
N LEU A 83 4.36 -10.01 3.51
CA LEU A 83 5.62 -9.53 2.92
C LEU A 83 6.69 -10.63 3.02
N ASP A 84 6.82 -11.25 4.19
CA ASP A 84 7.86 -12.28 4.41
C ASP A 84 7.64 -13.47 3.48
N MET A 85 6.39 -13.75 3.10
CA MET A 85 6.07 -14.87 2.20
C MET A 85 6.37 -14.51 0.75
N GLY A 86 6.45 -13.22 0.42
CA GLY A 86 6.80 -12.74 -0.93
C GLY A 86 5.76 -11.83 -1.57
N LEU A 87 4.74 -11.43 -0.84
CA LEU A 87 3.81 -10.42 -1.40
C LEU A 87 4.48 -9.05 -1.23
N MET A 88 4.19 -8.12 -2.13
CA MET A 88 4.66 -6.72 -2.05
CA MET A 88 4.66 -6.72 -2.05
C MET A 88 3.45 -5.79 -2.13
N TYR A 89 3.56 -4.62 -1.51
CA TYR A 89 2.53 -3.57 -1.53
C TYR A 89 3.08 -2.37 -2.29
N ARG A 90 2.29 -1.82 -3.18
CA ARG A 90 2.65 -0.60 -3.93
C ARG A 90 1.72 0.51 -3.48
N ILE A 91 2.27 1.54 -2.87
CA ILE A 91 1.50 2.64 -2.27
C ILE A 91 1.53 3.80 -3.26
N LYS A 92 0.36 4.14 -3.84
CA LYS A 92 0.22 5.29 -4.77
C LYS A 92 -0.64 6.33 -4.11
N ILE A 93 -0.11 7.52 -3.93
CA ILE A 93 -0.84 8.62 -3.26
C ILE A 93 -0.94 9.77 -4.26
N ARG A 94 -2.14 10.25 -4.44
CA ARG A 94 -2.43 11.37 -5.35
C ARG A 94 -2.83 12.56 -4.50
N ASN A 95 -2.57 13.77 -4.99
CA ASN A 95 -3.02 14.99 -4.28
C ASN A 95 -4.50 15.22 -4.61
N SER A 96 -5.03 16.36 -4.21
CA SER A 96 -6.46 16.74 -4.45
C SER A 96 -6.78 16.83 -5.96
N ARG A 97 -5.76 17.06 -6.82
CA ARG A 97 -5.90 17.27 -8.29
C ARG A 97 -5.84 15.91 -8.99
N GLY A 98 -5.58 14.83 -8.23
CA GLY A 98 -5.43 13.50 -8.81
C GLY A 98 -4.04 13.29 -9.34
N GLN A 99 -3.12 14.21 -9.08
CA GLN A 99 -1.73 14.10 -9.56
C GLN A 99 -0.95 13.18 -8.62
N LEU A 100 -0.22 12.25 -9.21
CA LEU A 100 0.56 11.26 -8.44
C LEU A 100 1.70 12.00 -7.74
N ILE A 101 1.78 11.89 -6.42
CA ILE A 101 2.88 12.50 -5.62
C ILE A 101 3.75 11.44 -4.92
N ILE A 102 3.26 10.22 -4.68
CA ILE A 102 4.07 9.11 -4.13
C ILE A 102 3.72 7.84 -4.88
N ASP A 103 4.75 7.11 -5.26
CA ASP A 103 4.59 5.77 -5.86
C ASP A 103 5.71 4.90 -5.31
N GLU A 104 5.43 4.17 -4.22
CA GLU A 104 6.50 3.53 -3.42
C GLU A 104 6.17 2.07 -3.16
N MET A 105 7.07 1.18 -3.56
CA MET A 105 7.02 -0.26 -3.20
CA MET A 105 6.96 -0.24 -3.19
C MET A 105 7.37 -0.41 -1.72
N VAL A 106 6.62 -1.22 -1.01
CA VAL A 106 6.94 -1.75 0.35
C VAL A 106 7.12 -3.26 0.24
N THR A 107 8.32 -3.74 0.55
CA THR A 107 8.64 -5.18 0.47
C THR A 107 9.14 -5.67 1.83
N ALA A 108 9.32 -6.96 1.96
CA ALA A 108 9.87 -7.57 3.20
C ALA A 108 11.18 -6.89 3.58
N ALA A 109 12.00 -6.52 2.61
CA ALA A 109 13.30 -5.85 2.82
C ALA A 109 13.11 -4.47 3.48
N SER A 110 11.99 -3.77 3.21
CA SER A 110 11.65 -2.42 3.74
C SER A 110 11.63 -2.42 5.27
N CYS A 111 11.33 -3.57 5.88
CA CYS A 111 11.11 -3.66 7.35
C CYS A 111 12.42 -4.00 8.08
N GLN A 112 13.46 -4.36 7.34
CA GLN A 112 14.72 -4.90 7.92
C GLN A 112 15.72 -3.77 8.17
N PRO A 113 16.70 -3.98 9.06
CA PRO A 113 17.69 -2.94 9.33
C PRO A 113 18.65 -2.70 8.15
N GLN A 114 19.06 -1.47 7.92
CA GLN A 114 20.07 -1.11 6.88
C GLN A 114 20.44 0.38 6.99
#